data_3A3B
#
_entry.id   3A3B
#
_cell.length_a   46.858
_cell.length_b   47.087
_cell.length_c   160.923
_cell.angle_alpha   90.00
_cell.angle_beta   90.00
_cell.angle_gamma   90.00
#
_symmetry.space_group_name_H-M   'P 21 21 21'
#
loop_
_entity.id
_entity.type
_entity.pdbx_description
1 polymer 'Lumazine protein'
2 non-polymer 'FLAVIN MONONUCLEOTIDE'
3 non-polymer RIBOFLAVIN
4 water water
#
_entity_poly.entity_id   1
_entity_poly.type   'polypeptide(L)'
_entity_poly.pdbx_seq_one_letter_code
;MFKGIVQGAGIIKKISKNDDTQRHGITFPKDILESVEKGTVMLVNGCSLTVVRISGDVVYFDIDQAINTTTFRELEVGNK
VNLEVRPEFGSLLGKGALTGNIKGVATVDNITEEEDRLKVYIKIPKDLIENILSEDHIGINGVSHSIEEISDDIIFINYP
KNLSITTNLGTLEKGSDVNVETLNVSNEWD
;
_entity_poly.pdbx_strand_id   B,A
#
loop_
_chem_comp.id
_chem_comp.type
_chem_comp.name
_chem_comp.formula
FMN non-polymer 'FLAVIN MONONUCLEOTIDE' 'C17 H21 N4 O9 P'
RBF non-polymer RIBOFLAVIN 'C17 H20 N4 O6'
#
# COMPACT_ATOMS: atom_id res chain seq x y z
N MET A 1 -2.47 4.29 18.30
CA MET A 1 -1.16 3.79 17.83
C MET A 1 -1.22 3.24 16.41
N PHE A 2 -0.04 3.22 15.79
CA PHE A 2 0.12 2.97 14.39
C PHE A 2 1.14 1.88 14.22
N LYS A 3 1.21 1.30 13.04
CA LYS A 3 2.06 0.16 12.83
C LYS A 3 3.49 0.58 12.51
N GLY A 4 3.65 1.77 11.96
CA GLY A 4 4.93 2.18 11.40
C GLY A 4 5.26 1.41 10.13
N ILE A 5 4.22 1.06 9.39
CA ILE A 5 4.34 0.53 8.06
C ILE A 5 3.69 1.61 7.18
N VAL A 6 4.48 2.23 6.33
CA VAL A 6 3.98 3.33 5.48
C VAL A 6 3.03 2.78 4.43
N GLN A 7 1.84 3.41 4.31
CA GLN A 7 0.84 2.97 3.31
C GLN A 7 1.05 3.55 1.89
N GLY A 8 1.68 4.70 1.78
CA GLY A 8 1.83 5.32 0.47
C GLY A 8 2.58 6.61 0.67
N ALA A 9 3.04 7.21 -0.42
CA ALA A 9 3.77 8.48 -0.41
C ALA A 9 2.82 9.62 -0.85
N GLY A 10 2.73 10.69 -0.07
CA GLY A 10 2.07 11.90 -0.54
C GLY A 10 3.09 12.83 -1.19
N ILE A 11 2.63 13.82 -1.96
CA ILE A 11 3.56 14.81 -2.57
C ILE A 11 3.11 16.20 -2.11
N ILE A 12 3.98 16.94 -1.42
CA ILE A 12 3.62 18.27 -0.95
C ILE A 12 3.29 19.10 -2.21
N LYS A 13 2.07 19.64 -2.24
CA LYS A 13 1.52 20.43 -3.34
C LYS A 13 1.60 21.91 -2.99
N LYS A 14 1.27 22.27 -1.75
CA LYS A 14 1.27 23.67 -1.33
C LYS A 14 1.82 23.84 0.10
N ILE A 15 2.59 24.90 0.32
CA ILE A 15 3.00 25.33 1.65
C ILE A 15 2.69 26.82 1.84
N SER A 16 1.94 27.12 2.90
CA SER A 16 1.56 28.48 3.30
C SER A 16 2.09 28.71 4.69
N LYS A 17 2.85 29.79 4.85
CA LYS A 17 3.46 30.11 6.14
C LYS A 17 2.73 31.32 6.71
N ASN A 18 2.16 31.20 7.92
CA ASN A 18 1.53 32.36 8.61
C ASN A 18 1.63 32.30 10.14
N ASP A 19 2.76 32.83 10.65
CA ASP A 19 3.05 33.15 12.09
C ASP A 19 3.36 31.95 13.02
N ASP A 20 4.59 31.42 12.91
CA ASP A 20 5.00 30.12 13.52
C ASP A 20 3.96 28.99 13.34
N THR A 21 3.34 28.98 12.15
CA THR A 21 2.46 27.94 11.68
C THR A 21 2.68 27.83 10.17
N GLN A 22 2.46 26.63 9.63
CA GLN A 22 2.50 26.41 8.21
C GLN A 22 1.39 25.46 7.86
N ARG A 23 0.69 25.73 6.77
CA ARG A 23 -0.30 24.82 6.24
C ARG A 23 0.28 24.09 5.03
N HIS A 24 0.35 22.76 5.14
CA HIS A 24 0.83 21.91 4.02
C HIS A 24 -0.37 21.24 3.37
N GLY A 25 -0.51 21.41 2.06
CA GLY A 25 -1.49 20.72 1.23
C GLY A 25 -0.74 19.58 0.60
N ILE A 26 -1.18 18.36 0.83
CA ILE A 26 -0.43 17.19 0.35
C ILE A 26 -1.29 16.36 -0.58
N THR A 27 -0.81 16.10 -1.79
CA THR A 27 -1.48 15.21 -2.75
C THR A 27 -1.37 13.74 -2.29
N PHE A 28 -2.53 13.10 -2.09
CA PHE A 28 -2.63 11.74 -1.58
C PHE A 28 -2.95 10.75 -2.69
N PRO A 29 -2.48 9.48 -2.56
CA PRO A 29 -3.02 8.40 -3.37
C PRO A 29 -4.49 8.11 -3.06
N LYS A 30 -5.21 7.51 -4.02
CA LYS A 30 -6.66 7.40 -3.90
C LYS A 30 -7.05 6.54 -2.75
N ASP A 31 -6.37 5.42 -2.54
CA ASP A 31 -6.80 4.54 -1.45
C ASP A 31 -6.70 5.23 -0.08
N ILE A 32 -5.56 5.87 0.16
CA ILE A 32 -5.37 6.58 1.42
C ILE A 32 -6.36 7.74 1.48
N LEU A 33 -6.52 8.46 0.38
CA LEU A 33 -7.49 9.56 0.28
C LEU A 33 -8.90 9.13 0.72
N GLU A 34 -9.36 7.95 0.27
CA GLU A 34 -10.69 7.39 0.61
C GLU A 34 -10.79 6.99 2.07
N SER A 35 -9.65 6.82 2.73
CA SER A 35 -9.70 6.41 4.14
C SER A 35 -9.66 7.60 5.12
N VAL A 36 -9.55 8.82 4.61
CA VAL A 36 -9.47 9.98 5.52
C VAL A 36 -10.61 11.01 5.32
N GLU A 37 -10.82 11.86 6.31
CA GLU A 37 -11.84 12.93 6.26
C GLU A 37 -11.29 14.09 7.08
N LYS A 38 -11.94 15.26 7.03
CA LYS A 38 -11.61 16.32 8.00
C LYS A 38 -11.63 15.72 9.40
N GLY A 39 -10.60 16.00 10.19
CA GLY A 39 -10.55 15.54 11.55
C GLY A 39 -9.79 14.27 11.73
N THR A 40 -9.39 13.65 10.63
CA THR A 40 -8.64 12.39 10.75
C THR A 40 -7.31 12.74 11.35
N VAL A 41 -6.90 11.98 12.37
CA VAL A 41 -5.56 12.06 12.91
C VAL A 41 -4.74 10.91 12.33
N MET A 42 -3.70 11.24 11.57
CA MET A 42 -2.94 10.19 10.86
C MET A 42 -1.45 10.49 10.97
N LEU A 43 -0.58 9.63 10.43
CA LEU A 43 0.85 9.92 10.49
C LEU A 43 1.37 10.48 9.20
N VAL A 44 2.08 11.59 9.29
CA VAL A 44 2.78 12.15 8.14
C VAL A 44 4.27 12.25 8.53
N ASN A 45 5.11 11.57 7.77
CA ASN A 45 6.51 11.35 8.19
C ASN A 45 6.61 10.93 9.66
N GLY A 46 5.66 10.06 10.09
CA GLY A 46 5.68 9.50 11.43
C GLY A 46 5.10 10.45 12.47
N CYS A 47 4.62 11.63 12.07
CA CYS A 47 4.10 12.62 13.03
C CYS A 47 2.55 12.66 13.03
N SER A 48 1.91 12.59 14.21
CA SER A 48 0.46 12.76 14.29
C SER A 48 0.10 14.17 13.93
N LEU A 49 -0.75 14.29 12.92
CA LEU A 49 -1.30 15.54 12.48
C LEU A 49 -2.75 15.33 12.12
N THR A 50 -3.51 16.42 12.22
CA THR A 50 -4.97 16.39 11.98
C THR A 50 -5.36 17.00 10.67
N VAL A 51 -6.15 16.25 9.87
CA VAL A 51 -6.62 16.78 8.61
C VAL A 51 -7.57 17.98 8.86
N VAL A 52 -7.22 19.16 8.35
CA VAL A 52 -8.09 20.34 8.55
C VAL A 52 -8.98 20.62 7.34
N ARG A 53 -8.57 20.17 6.18
CA ARG A 53 -9.49 20.20 5.03
C ARG A 53 -8.94 19.39 3.85
N ILE A 54 -9.82 19.12 2.91
CA ILE A 54 -9.53 18.28 1.73
C ILE A 54 -10.17 18.96 0.55
N SER A 55 -9.42 19.09 -0.53
CA SER A 55 -9.98 19.56 -1.77
C SER A 55 -9.42 18.65 -2.85
N GLY A 56 -10.32 17.85 -3.42
CA GLY A 56 -9.92 16.90 -4.46
C GLY A 56 -9.02 15.88 -3.81
N ASP A 57 -7.89 15.58 -4.44
CA ASP A 57 -6.89 14.68 -3.86
C ASP A 57 -5.84 15.39 -2.96
N VAL A 58 -6.07 16.66 -2.64
CA VAL A 58 -5.16 17.44 -1.77
C VAL A 58 -5.67 17.53 -0.34
N VAL A 59 -4.83 17.04 0.60
CA VAL A 59 -5.18 16.97 1.99
C VAL A 59 -4.30 17.98 2.77
N TYR A 60 -4.94 18.80 3.59
CA TYR A 60 -4.21 19.88 4.26
C TYR A 60 -4.08 19.62 5.74
N PHE A 61 -2.98 20.08 6.31
CA PHE A 61 -2.66 19.91 7.74
C PHE A 61 -2.09 21.25 8.17
N ASP A 62 -2.35 21.69 9.38
CA ASP A 62 -1.69 22.89 9.91
C ASP A 62 -0.57 22.42 10.81
N ILE A 63 0.64 22.84 10.52
CA ILE A 63 1.75 22.46 11.39
C ILE A 63 1.97 23.64 12.29
N ASP A 64 1.67 23.47 13.55
CA ASP A 64 1.85 24.54 14.51
C ASP A 64 2.47 23.99 15.80
N GLN A 65 1.74 23.17 16.56
CA GLN A 65 2.33 22.46 17.69
C GLN A 65 3.62 21.68 17.36
N ALA A 66 3.70 21.11 16.16
CA ALA A 66 4.88 20.29 15.77
C ALA A 66 6.00 21.08 15.12
N ILE A 67 5.78 22.39 14.90
CA ILE A 67 6.61 23.20 13.96
C ILE A 67 8.12 23.31 14.32
N ASN A 68 8.45 23.22 15.59
CA ASN A 68 9.85 23.41 16.03
C ASN A 68 10.60 22.14 16.34
N THR A 69 9.89 21.00 16.25
CA THR A 69 10.37 19.68 16.69
C THR A 69 10.17 18.59 15.63
N THR A 70 9.99 19.02 14.37
CA THR A 70 9.78 18.09 13.24
C THR A 70 10.43 18.74 12.05
N THR A 71 10.58 17.99 10.95
CA THR A 71 11.19 18.48 9.71
C THR A 71 10.27 19.34 8.85
N PHE A 72 8.99 19.44 9.19
CA PHE A 72 8.04 20.15 8.32
C PHE A 72 8.50 21.54 7.83
N ARG A 73 9.12 22.32 8.74
CA ARG A 73 9.63 23.70 8.48
C ARG A 73 10.53 23.75 7.28
N GLU A 74 11.24 22.67 7.02
CA GLU A 74 12.30 22.67 6.03
C GLU A 74 11.93 22.00 4.70
N LEU A 75 10.76 21.37 4.69
CA LEU A 75 10.22 20.70 3.50
C LEU A 75 9.78 21.71 2.40
N GLU A 76 9.76 21.24 1.16
CA GLU A 76 9.41 22.11 0.05
C GLU A 76 8.36 21.46 -0.83
N VAL A 77 7.63 22.27 -1.60
CA VAL A 77 6.71 21.73 -2.62
C VAL A 77 7.43 20.70 -3.54
N GLY A 78 6.78 19.56 -3.81
CA GLY A 78 7.40 18.48 -4.56
C GLY A 78 8.04 17.38 -3.70
N ASN A 79 8.31 17.65 -2.43
CA ASN A 79 8.85 16.61 -1.54
C ASN A 79 7.85 15.48 -1.29
N LYS A 80 8.35 14.24 -1.22
CA LYS A 80 7.51 13.10 -0.88
C LYS A 80 7.47 12.93 0.62
N VAL A 81 6.30 12.57 1.14
CA VAL A 81 6.15 12.35 2.58
C VAL A 81 5.46 11.00 2.78
N ASN A 82 5.77 10.35 3.86
CA ASN A 82 5.20 9.03 4.14
C ASN A 82 3.85 9.19 4.79
N LEU A 83 2.91 8.35 4.41
CA LEU A 83 1.57 8.42 5.01
C LEU A 83 1.17 7.12 5.64
N GLU A 84 0.49 7.21 6.80
CA GLU A 84 -0.10 6.06 7.40
C GLU A 84 -1.38 6.46 8.17
N VAL A 85 -2.48 5.81 7.82
CA VAL A 85 -3.79 5.98 8.49
C VAL A 85 -3.85 4.94 9.64
N ARG A 86 -4.46 5.34 10.77
CA ARG A 86 -4.43 4.52 11.99
C ARG A 86 -5.19 3.23 11.73
N PRO A 87 -4.61 2.08 12.16
CA PRO A 87 -5.42 0.86 12.11
C PRO A 87 -6.49 0.97 13.22
N LYS A 95 7.21 -4.88 18.90
CA LYS A 95 6.59 -3.66 18.38
C LYS A 95 7.54 -2.46 18.54
N GLY A 96 7.86 -1.78 17.44
CA GLY A 96 7.09 -1.85 16.21
C GLY A 96 6.23 -0.60 16.26
N ALA A 97 5.15 -0.68 17.07
CA ALA A 97 4.08 0.32 17.19
C ALA A 97 4.54 1.74 17.49
N LEU A 98 4.02 2.68 16.70
CA LEU A 98 4.42 4.06 16.77
C LEU A 98 3.26 4.86 17.35
N THR A 99 3.59 5.87 18.15
CA THR A 99 2.59 6.75 18.69
C THR A 99 2.37 8.01 17.86
N GLY A 100 3.35 8.42 17.04
CA GLY A 100 3.21 9.65 16.29
C GLY A 100 3.70 10.87 17.02
N ASN A 101 4.28 10.63 18.21
CA ASN A 101 4.97 11.68 18.98
C ASN A 101 6.45 11.64 18.60
N ILE A 102 6.87 12.58 17.74
CA ILE A 102 8.25 12.64 17.27
C ILE A 102 9.11 13.10 18.44
N LYS A 103 10.21 12.37 18.68
CA LYS A 103 11.08 12.60 19.82
C LYS A 103 12.29 13.44 19.49
N GLY A 104 12.69 13.45 18.22
CA GLY A 104 13.70 14.40 17.74
C GLY A 104 13.82 14.48 16.22
N VAL A 105 14.66 15.37 15.77
CA VAL A 105 14.95 15.51 14.34
C VAL A 105 16.41 15.06 14.25
N ALA A 106 16.67 14.05 13.42
CA ALA A 106 17.99 13.52 13.25
C ALA A 106 18.41 13.89 11.85
N THR A 107 19.69 13.73 11.53
CA THR A 107 20.17 14.07 10.20
C THR A 107 20.86 12.88 9.54
N VAL A 108 20.46 12.59 8.31
CA VAL A 108 21.14 11.49 7.58
C VAL A 108 22.65 11.78 7.43
N ASP A 109 23.48 10.83 7.82
CA ASP A 109 24.94 10.99 7.74
C ASP A 109 25.52 10.49 6.39
N ASN A 110 24.88 9.45 5.83
CA ASN A 110 25.36 8.75 4.65
C ASN A 110 24.19 7.87 4.20
N ILE A 111 23.97 7.79 2.88
CA ILE A 111 23.08 6.78 2.31
C ILE A 111 23.92 5.97 1.32
N THR A 112 23.88 4.65 1.42
CA THR A 112 24.53 3.83 0.41
C THR A 112 23.50 2.97 -0.31
N GLU A 113 23.42 3.14 -1.61
CA GLU A 113 22.49 2.38 -2.42
C GLU A 113 23.19 1.15 -3.03
N GLU A 114 22.60 -0.03 -2.84
CA GLU A 114 23.11 -1.23 -3.49
C GLU A 114 21.87 -1.88 -4.06
N GLU A 115 21.93 -3.14 -4.48
CA GLU A 115 21.42 -3.54 -5.75
C GLU A 115 20.01 -3.80 -5.19
N ASP A 116 19.92 -4.36 -3.99
CA ASP A 116 18.59 -4.59 -3.38
C ASP A 116 18.37 -3.94 -1.99
N ARG A 117 19.36 -3.17 -1.54
CA ARG A 117 19.34 -2.56 -0.19
C ARG A 117 19.61 -1.06 -0.26
N LEU A 118 19.06 -0.37 0.73
CA LEU A 118 19.39 1.02 1.01
C LEU A 118 20.00 1.06 2.41
N LYS A 119 21.30 1.34 2.49
CA LYS A 119 21.98 1.40 3.77
C LYS A 119 21.98 2.86 4.23
N VAL A 120 21.33 3.10 5.37
CA VAL A 120 21.11 4.45 5.86
C VAL A 120 21.78 4.63 7.23
N TYR A 121 22.53 5.73 7.34
CA TYR A 121 23.30 6.06 8.54
C TYR A 121 22.78 7.38 8.99
N ILE A 122 22.32 7.42 10.25
CA ILE A 122 21.58 8.59 10.74
C ILE A 122 22.24 9.08 12.04
N LYS A 123 22.57 10.37 12.07
CA LYS A 123 23.12 11.01 13.25
C LYS A 123 21.94 11.40 14.15
N ILE A 124 21.84 10.70 15.27
CA ILE A 124 20.78 10.84 16.29
C ILE A 124 21.11 12.00 17.31
N PRO A 125 20.12 12.84 17.65
CA PRO A 125 20.28 13.85 18.72
C PRO A 125 20.84 13.24 20.00
N LYS A 126 21.80 13.95 20.56
CA LYS A 126 22.50 13.46 21.76
C LYS A 126 21.56 13.08 22.88
N ASP A 127 20.54 13.90 23.11
CA ASP A 127 19.56 13.60 24.16
C ASP A 127 18.83 12.24 23.96
N LEU A 128 18.86 11.64 22.76
CA LEU A 128 18.19 10.32 22.59
C LEU A 128 19.12 9.09 22.67
N ILE A 129 20.43 9.29 22.49
CA ILE A 129 21.33 8.12 22.27
C ILE A 129 21.52 7.15 23.49
N GLU A 130 21.39 7.67 24.70
N GLU A 130 21.41 7.72 24.70
CA GLU A 130 21.57 6.83 25.88
CA GLU A 130 21.42 6.98 25.98
C GLU A 130 20.54 5.71 26.02
C GLU A 130 20.56 5.75 25.97
N ASN A 131 19.39 5.86 25.35
CA ASN A 131 18.38 4.79 25.40
C ASN A 131 18.21 3.96 24.13
N ILE A 132 19.22 3.99 23.29
CA ILE A 132 19.15 3.25 22.00
C ILE A 132 20.32 2.22 21.93
N LEU A 133 19.97 0.95 21.74
CA LEU A 133 20.92 -0.15 21.49
C LEU A 133 20.68 -0.74 20.09
N SER A 134 21.71 -1.38 19.53
CA SER A 134 21.53 -2.17 18.29
C SER A 134 20.42 -3.16 18.50
N GLU A 135 19.66 -3.40 17.45
CA GLU A 135 18.51 -4.29 17.48
C GLU A 135 17.23 -3.69 18.08
N ASP A 136 17.28 -2.49 18.71
CA ASP A 136 16.04 -1.78 19.08
C ASP A 136 15.32 -1.45 17.78
N HIS A 137 13.98 -1.39 17.85
CA HIS A 137 13.19 -0.83 16.78
C HIS A 137 13.18 0.70 16.95
N ILE A 138 13.14 1.42 15.81
CA ILE A 138 13.09 2.87 15.81
C ILE A 138 12.24 3.33 14.63
N GLY A 139 11.46 4.39 14.83
CA GLY A 139 10.70 4.96 13.71
C GLY A 139 11.50 6.08 13.06
N ILE A 140 11.73 5.99 11.76
CA ILE A 140 12.36 7.09 10.99
C ILE A 140 11.33 7.56 9.94
N ASN A 141 10.91 8.82 10.03
CA ASN A 141 9.80 9.29 9.19
C ASN A 141 8.64 8.31 9.09
N GLY A 142 8.33 7.63 10.20
CA GLY A 142 7.17 6.77 10.27
C GLY A 142 7.38 5.36 9.76
N VAL A 143 8.62 5.04 9.38
CA VAL A 143 8.99 3.64 9.09
C VAL A 143 9.65 3.03 10.31
N SER A 144 9.03 1.98 10.84
CA SER A 144 9.57 1.36 12.06
C SER A 144 10.33 0.14 11.63
N HIS A 145 11.61 0.06 12.01
CA HIS A 145 12.48 -1.03 11.60
C HIS A 145 13.58 -1.12 12.63
N SER A 146 14.29 -2.24 12.64
CA SER A 146 15.31 -2.45 13.65
C SER A 146 16.63 -1.77 13.24
N ILE A 147 17.44 -1.50 14.23
CA ILE A 147 18.71 -0.85 14.06
C ILE A 147 19.70 -1.98 13.92
N GLU A 148 20.51 -1.95 12.85
CA GLU A 148 21.59 -2.93 12.67
C GLU A 148 22.79 -2.70 13.62
N GLU A 149 23.18 -1.44 13.76
CA GLU A 149 24.29 -1.03 14.64
C GLU A 149 24.15 0.42 15.09
N ILE A 150 24.69 0.71 16.28
CA ILE A 150 24.96 2.09 16.71
C ILE A 150 26.41 2.23 17.13
N SER A 151 27.06 3.25 16.61
CA SER A 151 28.39 3.60 17.09
C SER A 151 28.38 5.09 17.36
N ASP A 152 28.56 5.45 18.64
CA ASP A 152 28.38 6.82 19.17
C ASP A 152 26.98 7.34 18.81
N ASP A 153 26.90 8.48 18.13
CA ASP A 153 25.58 9.01 17.79
C ASP A 153 25.03 8.58 16.41
N ILE A 154 25.69 7.62 15.74
CA ILE A 154 25.29 7.27 14.36
C ILE A 154 24.62 5.93 14.36
N ILE A 155 23.40 5.86 13.83
CA ILE A 155 22.75 4.55 13.75
C ILE A 155 22.69 4.07 12.30
N PHE A 156 22.72 2.75 12.15
CA PHE A 156 22.77 2.11 10.84
C PHE A 156 21.50 1.29 10.68
N ILE A 157 20.70 1.64 9.67
CA ILE A 157 19.51 0.85 9.33
C ILE A 157 19.65 0.34 7.88
N ASN A 158 19.37 -0.93 7.67
CA ASN A 158 19.57 -1.51 6.36
C ASN A 158 18.22 -1.82 5.79
N TYR A 159 17.70 -0.95 4.91
CA TYR A 159 16.35 -1.15 4.35
C TYR A 159 16.36 -1.95 3.05
N PRO A 160 15.31 -2.78 2.79
CA PRO A 160 15.12 -3.34 1.49
C PRO A 160 14.79 -2.21 0.54
N LYS A 161 15.41 -2.22 -0.65
CA LYS A 161 15.24 -1.14 -1.59
C LYS A 161 13.79 -0.97 -2.09
N ASN A 162 13.04 -2.08 -2.12
CA ASN A 162 11.59 -2.06 -2.53
C ASN A 162 10.74 -1.15 -1.64
N LEU A 163 11.24 -0.79 -0.47
CA LEU A 163 10.51 0.10 0.40
C LEU A 163 10.36 1.46 -0.27
N SER A 164 11.13 1.70 -1.34
CA SER A 164 11.06 3.01 -1.98
C SER A 164 9.80 3.26 -2.81
N ILE A 165 9.06 2.20 -3.13
CA ILE A 165 7.90 2.40 -3.97
C ILE A 165 6.74 2.96 -3.14
N THR A 166 6.71 2.60 -1.86
CA THR A 166 5.61 3.03 -0.99
C THR A 166 5.98 4.14 0.00
N THR A 167 7.26 4.58 -0.01
CA THR A 167 7.80 5.56 0.99
C THR A 167 8.70 6.66 0.33
N ASN A 168 9.21 7.59 1.14
CA ASN A 168 10.14 8.66 0.70
C ASN A 168 11.63 8.34 0.91
N LEU A 169 11.91 7.12 1.35
CA LEU A 169 13.27 6.71 1.60
C LEU A 169 14.27 6.89 0.43
N GLY A 170 13.79 6.67 -0.80
CA GLY A 170 14.62 6.83 -2.00
C GLY A 170 14.96 8.29 -2.28
N THR A 171 14.25 9.22 -1.64
CA THR A 171 14.52 10.66 -1.82
C THR A 171 15.54 11.22 -0.85
N LEU A 172 16.06 10.39 0.06
CA LEU A 172 16.96 10.87 1.13
C LEU A 172 18.41 10.97 0.67
N GLU A 173 19.13 11.99 1.13
CA GLU A 173 20.59 12.06 0.97
C GLU A 173 21.24 12.65 2.21
N LYS A 174 22.56 12.60 2.25
CA LYS A 174 23.29 13.20 3.35
C LYS A 174 22.79 14.62 3.62
N GLY A 175 22.53 14.93 4.88
CA GLY A 175 22.05 16.24 5.25
C GLY A 175 20.54 16.35 5.29
N SER A 176 19.86 15.33 4.76
CA SER A 176 18.43 15.20 4.95
C SER A 176 18.11 15.08 6.45
N ASP A 177 17.19 15.90 6.91
CA ASP A 177 16.72 15.76 8.27
C ASP A 177 15.52 14.80 8.23
N VAL A 178 15.31 14.07 9.32
CA VAL A 178 14.26 13.08 9.44
C VAL A 178 13.63 13.21 10.82
N ASN A 179 12.34 12.86 10.93
CA ASN A 179 11.71 12.74 12.23
C ASN A 179 12.02 11.39 12.83
N VAL A 180 12.48 11.36 14.07
CA VAL A 180 12.73 10.08 14.76
C VAL A 180 11.76 9.86 15.93
N GLU A 181 11.24 8.64 16.05
CA GLU A 181 10.50 8.25 17.23
C GLU A 181 11.18 7.06 17.85
N THR A 182 11.72 7.28 19.06
CA THR A 182 12.32 6.23 19.87
C THR A 182 11.19 5.48 20.58
N LEU A 183 11.33 4.17 20.74
CA LEU A 183 10.24 3.31 21.24
C LEU A 183 10.49 2.78 22.66
N ASN A 184 9.47 2.18 23.29
CA ASN A 184 9.62 1.53 24.62
C ASN A 184 9.84 2.50 25.79
N MET B 1 5.71 -6.58 -8.93
CA MET B 1 5.41 -7.09 -10.30
C MET B 1 4.94 -8.55 -10.25
N PHE B 2 3.73 -8.71 -10.75
CA PHE B 2 3.10 -9.98 -10.85
C PHE B 2 2.84 -10.10 -12.33
N LYS B 3 2.55 -11.31 -12.81
CA LYS B 3 2.31 -11.50 -14.25
C LYS B 3 0.85 -11.27 -14.68
N GLY B 4 -0.09 -11.28 -13.73
CA GLY B 4 -1.49 -11.22 -14.11
C GLY B 4 -1.94 -12.54 -14.72
N ILE B 5 -1.27 -13.60 -14.31
CA ILE B 5 -1.65 -14.94 -14.71
C ILE B 5 -2.01 -15.65 -13.45
N VAL B 6 -3.30 -15.93 -13.32
CA VAL B 6 -3.85 -16.51 -12.11
C VAL B 6 -3.38 -17.96 -11.95
N GLN B 7 -2.87 -18.30 -10.77
CA GLN B 7 -2.33 -19.65 -10.54
C GLN B 7 -3.35 -20.58 -9.94
N GLY B 8 -4.40 -20.04 -9.35
CA GLY B 8 -5.39 -20.89 -8.74
C GLY B 8 -6.50 -20.05 -8.20
N ALA B 9 -7.54 -20.73 -7.70
CA ALA B 9 -8.70 -20.06 -7.16
C ALA B 9 -8.74 -20.41 -5.69
N GLY B 10 -9.08 -19.44 -4.84
CA GLY B 10 -9.35 -19.73 -3.46
C GLY B 10 -10.85 -19.61 -3.25
N ILE B 11 -11.35 -20.20 -2.18
CA ILE B 11 -12.78 -20.11 -1.84
C ILE B 11 -12.87 -19.49 -0.44
N ILE B 12 -13.65 -18.41 -0.31
CA ILE B 12 -13.77 -17.68 0.93
C ILE B 12 -14.49 -18.60 1.93
N LYS B 13 -13.84 -18.81 3.06
CA LYS B 13 -14.35 -19.70 4.10
C LYS B 13 -15.04 -18.93 5.24
N LYS B 14 -14.53 -17.72 5.56
CA LYS B 14 -14.98 -16.95 6.74
C LYS B 14 -14.79 -15.46 6.39
N ILE B 15 -15.69 -14.60 6.81
CA ILE B 15 -15.41 -13.18 6.76
C ILE B 15 -15.69 -12.58 8.13
N SER B 16 -14.66 -12.02 8.77
CA SER B 16 -14.78 -11.32 10.09
C SER B 16 -14.93 -9.86 9.81
N LYS B 17 -16.04 -9.29 10.26
CA LYS B 17 -16.41 -7.92 9.87
C LYS B 17 -16.30 -6.96 11.03
N ASN B 18 -15.27 -6.13 10.97
CA ASN B 18 -14.98 -5.13 11.98
C ASN B 18 -15.33 -3.74 11.47
N ASP B 19 -14.72 -2.71 12.04
CA ASP B 19 -15.11 -1.30 11.71
C ASP B 19 -14.40 -0.82 10.44
N ASP B 20 -15.10 -0.94 9.32
CA ASP B 20 -14.42 -1.14 8.01
C ASP B 20 -12.92 -1.52 7.94
N THR B 21 -12.62 -2.61 8.65
CA THR B 21 -11.61 -3.57 8.32
C THR B 21 -12.48 -4.83 8.20
N GLN B 22 -12.03 -5.76 7.36
CA GLN B 22 -12.57 -7.13 7.35
C GLN B 22 -11.41 -8.11 7.31
N ARG B 23 -11.56 -9.24 7.99
CA ARG B 23 -10.57 -10.30 7.86
C ARG B 23 -11.22 -11.41 7.07
N HIS B 24 -10.55 -11.82 6.01
CA HIS B 24 -11.07 -12.89 5.16
C HIS B 24 -10.19 -14.14 5.29
N GLY B 25 -10.82 -15.28 5.53
CA GLY B 25 -10.18 -16.57 5.56
C GLY B 25 -10.58 -17.27 4.27
N ILE B 26 -9.58 -17.67 3.51
CA ILE B 26 -9.73 -18.17 2.15
C ILE B 26 -9.07 -19.53 2.09
N THR B 27 -9.85 -20.55 1.73
CA THR B 27 -9.28 -21.87 1.49
C THR B 27 -8.41 -21.92 0.27
N PHE B 28 -7.17 -22.36 0.40
CA PHE B 28 -6.23 -22.33 -0.72
C PHE B 28 -6.02 -23.75 -1.27
N PRO B 29 -5.75 -23.86 -2.59
CA PRO B 29 -5.30 -25.11 -3.18
C PRO B 29 -3.95 -25.46 -2.61
N LYS B 30 -3.69 -26.76 -2.47
CA LYS B 30 -2.48 -27.20 -1.79
C LYS B 30 -1.18 -26.60 -2.41
N ASP B 31 -1.12 -26.54 -3.74
CA ASP B 31 0.08 -26.05 -4.40
C ASP B 31 0.42 -24.59 -4.10
N ILE B 32 -0.61 -23.75 -4.01
CA ILE B 32 -0.40 -22.35 -3.61
C ILE B 32 -0.21 -22.24 -2.09
N LEU B 33 -1.02 -22.98 -1.33
CA LEU B 33 -0.93 -23.00 0.14
C LEU B 33 0.51 -23.24 0.67
N GLU B 34 1.19 -24.23 0.09
CA GLU B 34 2.51 -24.62 0.57
C GLU B 34 3.60 -23.63 0.15
N SER B 35 3.28 -22.78 -0.81
CA SER B 35 4.24 -21.74 -1.24
C SER B 35 4.11 -20.41 -0.49
N VAL B 36 3.13 -20.30 0.40
CA VAL B 36 2.92 -19.05 1.11
C VAL B 36 3.14 -19.17 2.60
N GLU B 37 3.35 -18.05 3.26
CA GLU B 37 3.57 -18.01 4.69
C GLU B 37 3.02 -16.70 5.28
N LYS B 38 2.94 -16.59 6.61
CA LYS B 38 2.64 -15.28 7.22
C LYS B 38 3.60 -14.21 6.70
N GLY B 39 3.07 -13.09 6.23
CA GLY B 39 3.91 -12.02 5.70
C GLY B 39 3.97 -12.00 4.21
N THR B 40 3.58 -13.12 3.57
CA THR B 40 3.62 -13.19 2.11
C THR B 40 2.74 -12.08 1.54
N VAL B 41 3.24 -11.38 0.54
CA VAL B 41 2.38 -10.37 -0.15
C VAL B 41 2.09 -10.95 -1.51
N MET B 42 0.82 -11.19 -1.81
CA MET B 42 0.46 -11.85 -3.06
C MET B 42 -0.80 -11.15 -3.55
N LEU B 43 -1.27 -11.52 -4.73
CA LEU B 43 -2.48 -10.93 -5.28
C LEU B 43 -3.70 -11.80 -5.06
N VAL B 44 -4.77 -11.20 -4.54
CA VAL B 44 -6.05 -11.90 -4.34
C VAL B 44 -7.05 -11.05 -5.15
N ASN B 45 -7.63 -11.62 -6.20
CA ASN B 45 -8.44 -10.81 -7.19
C ASN B 45 -7.69 -9.61 -7.67
N GLY B 46 -6.38 -9.80 -7.88
CA GLY B 46 -5.57 -8.75 -8.44
C GLY B 46 -5.08 -7.71 -7.46
N CYS B 47 -5.50 -7.82 -6.19
CA CYS B 47 -5.13 -6.84 -5.14
C CYS B 47 -3.97 -7.35 -4.30
N SER B 48 -2.92 -6.53 -4.14
CA SER B 48 -1.85 -6.84 -3.17
C SER B 48 -2.37 -6.84 -1.76
N LEU B 49 -2.22 -8.00 -1.10
CA LEU B 49 -2.65 -8.22 0.29
C LEU B 49 -1.62 -9.07 1.03
N THR B 50 -1.54 -8.92 2.33
CA THR B 50 -0.49 -9.61 3.15
C THR B 50 -1.15 -10.72 3.99
N VAL B 51 -0.59 -11.94 3.94
CA VAL B 51 -1.08 -13.06 4.73
C VAL B 51 -0.86 -12.71 6.22
N VAL B 52 -1.92 -12.75 7.02
CA VAL B 52 -1.76 -12.47 8.45
C VAL B 52 -1.65 -13.76 9.27
N ARG B 53 -2.31 -14.82 8.78
CA ARG B 53 -2.24 -16.09 9.48
C ARG B 53 -2.62 -17.22 8.55
N ILE B 54 -2.08 -18.40 8.83
CA ILE B 54 -2.50 -19.65 8.13
C ILE B 54 -2.88 -20.72 9.16
N SER B 55 -4.05 -21.32 8.97
CA SER B 55 -4.52 -22.44 9.83
C SER B 55 -5.00 -23.53 8.94
N GLY B 56 -4.21 -24.59 8.82
CA GLY B 56 -4.48 -25.66 7.86
C GLY B 56 -4.40 -25.11 6.44
N ASP B 57 -5.49 -25.26 5.70
CA ASP B 57 -5.55 -24.73 4.34
C ASP B 57 -6.22 -23.35 4.19
N VAL B 58 -6.49 -22.69 5.32
CA VAL B 58 -7.20 -21.40 5.37
C VAL B 58 -6.16 -20.31 5.60
N VAL B 59 -6.11 -19.37 4.65
CA VAL B 59 -5.12 -18.31 4.63
C VAL B 59 -5.90 -17.04 4.89
N TYR B 60 -5.43 -16.25 5.84
CA TYR B 60 -6.19 -15.07 6.29
C TYR B 60 -5.52 -13.78 5.88
N PHE B 61 -6.37 -12.83 5.49
CA PHE B 61 -5.89 -11.51 5.08
C PHE B 61 -6.75 -10.48 5.75
N ASP B 62 -6.13 -9.39 6.16
CA ASP B 62 -6.84 -8.24 6.66
C ASP B 62 -7.09 -7.20 5.56
N ILE B 63 -8.34 -6.87 5.29
CA ILE B 63 -8.74 -5.88 4.26
C ILE B 63 -9.00 -4.55 4.97
N ASP B 64 -8.11 -3.58 4.75
CA ASP B 64 -8.20 -2.31 5.49
C ASP B 64 -7.92 -1.17 4.56
N GLN B 65 -6.66 -1.03 4.15
CA GLN B 65 -6.27 -0.02 3.17
C GLN B 65 -7.00 -0.15 1.86
N ALA B 66 -7.22 -1.41 1.45
CA ALA B 66 -7.92 -1.73 0.21
C ALA B 66 -9.44 -1.60 0.29
N ILE B 67 -10.01 -1.36 1.48
CA ILE B 67 -11.45 -1.65 1.62
C ILE B 67 -12.37 -0.74 0.78
N ASN B 68 -11.90 0.47 0.41
CA ASN B 68 -12.74 1.44 -0.34
C ASN B 68 -12.62 1.41 -1.86
N THR B 69 -11.71 0.57 -2.38
CA THR B 69 -11.37 0.63 -3.78
C THR B 69 -11.42 -0.76 -4.43
N THR B 70 -11.97 -1.73 -3.72
CA THR B 70 -11.95 -3.10 -4.18
C THR B 70 -13.31 -3.73 -3.86
N THR B 71 -13.52 -4.95 -4.30
CA THR B 71 -14.85 -5.57 -4.13
C THR B 71 -14.93 -6.36 -2.83
N PHE B 72 -13.80 -6.49 -2.12
CA PHE B 72 -13.80 -7.37 -0.92
C PHE B 72 -14.95 -7.15 0.08
N ARG B 73 -15.27 -5.91 0.41
CA ARG B 73 -16.35 -5.70 1.42
C ARG B 73 -17.75 -6.18 0.99
N GLU B 74 -17.93 -6.52 -0.28
CA GLU B 74 -19.18 -7.06 -0.83
C GLU B 74 -19.09 -8.58 -1.13
N LEU B 75 -17.95 -9.22 -0.85
CA LEU B 75 -17.83 -10.64 -1.12
C LEU B 75 -18.54 -11.44 -0.01
N GLU B 76 -18.86 -12.67 -0.33
CA GLU B 76 -19.53 -13.55 0.59
C GLU B 76 -18.82 -14.86 0.73
N VAL B 77 -19.06 -15.53 1.86
CA VAL B 77 -18.56 -16.89 2.04
C VAL B 77 -18.94 -17.77 0.84
N GLY B 78 -18.02 -18.60 0.39
CA GLY B 78 -18.24 -19.45 -0.82
C GLY B 78 -17.82 -18.80 -2.15
N ASN B 79 -17.56 -17.49 -2.14
CA ASN B 79 -17.15 -16.83 -3.38
C ASN B 79 -15.74 -17.27 -3.76
N LYS B 80 -15.48 -17.38 -5.06
CA LYS B 80 -14.18 -17.82 -5.59
C LYS B 80 -13.29 -16.56 -5.91
N VAL B 81 -12.04 -16.59 -5.45
CA VAL B 81 -11.10 -15.48 -5.57
C VAL B 81 -9.89 -15.98 -6.37
N ASN B 82 -9.34 -15.12 -7.20
CA ASN B 82 -8.20 -15.47 -8.01
C ASN B 82 -6.97 -15.29 -7.17
N LEU B 83 -5.99 -16.19 -7.29
CA LEU B 83 -4.75 -16.11 -6.49
C LEU B 83 -3.54 -16.05 -7.40
N GLU B 84 -2.58 -15.21 -7.04
CA GLU B 84 -1.26 -15.24 -7.70
C GLU B 84 -0.12 -14.89 -6.73
N VAL B 85 0.89 -15.74 -6.70
CA VAL B 85 2.10 -15.54 -5.87
C VAL B 85 3.20 -14.94 -6.77
N ARG B 86 4.03 -14.03 -6.27
CA ARG B 86 5.05 -13.41 -7.14
C ARG B 86 6.01 -14.48 -7.75
N PRO B 87 6.58 -14.21 -8.94
CA PRO B 87 7.51 -15.16 -9.55
C PRO B 87 8.73 -15.36 -8.63
N GLU B 88 9.28 -16.57 -8.57
CA GLU B 88 10.40 -16.83 -7.65
C GLU B 88 11.79 -16.36 -8.09
N PHE B 89 12.12 -16.45 -9.37
CA PHE B 89 13.54 -16.31 -9.75
C PHE B 89 14.03 -15.25 -10.82
N GLY B 90 13.33 -14.18 -11.23
CA GLY B 90 11.91 -13.91 -11.15
C GLY B 90 11.41 -13.69 -12.59
N SER B 91 11.42 -12.46 -13.11
CA SER B 91 10.60 -12.20 -14.33
C SER B 91 10.97 -11.07 -15.31
N LEU B 92 10.69 -11.33 -16.59
CA LEU B 92 10.46 -10.28 -17.60
C LEU B 92 9.14 -10.50 -18.39
N GLY B 94 7.83 -7.49 -18.40
CA GLY B 94 6.53 -7.80 -19.00
C GLY B 94 5.92 -6.54 -19.57
N LYS B 95 4.60 -6.52 -19.76
CA LYS B 95 3.92 -5.40 -20.42
C LYS B 95 2.80 -4.64 -19.65
N GLY B 96 1.70 -5.26 -19.23
CA GLY B 96 1.54 -6.70 -19.05
C GLY B 96 1.47 -6.91 -17.53
N ALA B 97 2.60 -6.66 -16.89
CA ALA B 97 2.80 -6.85 -15.45
C ALA B 97 1.78 -6.09 -14.59
N LEU B 98 1.40 -6.69 -13.46
CA LEU B 98 0.49 -6.05 -12.53
C LEU B 98 1.25 -5.67 -11.28
N THR B 99 0.91 -4.52 -10.70
CA THR B 99 1.48 -4.11 -9.41
C THR B 99 0.62 -4.60 -8.23
N GLY B 100 -0.65 -4.93 -8.48
CA GLY B 100 -1.57 -5.24 -7.37
C GLY B 100 -2.22 -4.00 -6.75
N ASN B 101 -2.03 -2.84 -7.41
CA ASN B 101 -2.62 -1.59 -6.96
C ASN B 101 -3.90 -1.43 -7.74
N ILE B 102 -5.03 -1.77 -7.12
CA ILE B 102 -6.34 -1.73 -7.78
C ILE B 102 -6.74 -0.28 -7.84
N LYS B 103 -7.11 0.16 -9.03
CA LYS B 103 -7.45 1.54 -9.29
C LYS B 103 -8.88 1.78 -8.77
N GLY B 104 -9.70 0.76 -8.88
CA GLY B 104 -11.04 0.84 -8.33
C GLY B 104 -11.91 -0.23 -8.91
N VAL B 105 -13.20 -0.12 -8.62
CA VAL B 105 -14.16 -1.14 -8.97
C VAL B 105 -14.94 -0.78 -10.23
N ALA B 106 -15.19 -1.76 -11.11
CA ALA B 106 -16.04 -1.52 -12.26
C ALA B 106 -17.09 -2.62 -12.33
N THR B 107 -17.97 -2.56 -13.32
CA THR B 107 -19.09 -3.49 -13.32
C THR B 107 -19.29 -4.19 -14.66
N VAL B 108 -19.54 -5.50 -14.62
CA VAL B 108 -19.84 -6.25 -15.84
C VAL B 108 -21.20 -5.79 -16.44
N ASP B 109 -21.11 -5.16 -17.62
CA ASP B 109 -22.28 -4.77 -18.41
C ASP B 109 -22.86 -5.96 -19.16
N ASN B 110 -21.99 -6.83 -19.64
CA ASN B 110 -22.43 -7.97 -20.45
C ASN B 110 -21.34 -9.03 -20.47
N ILE B 111 -21.78 -10.27 -20.61
CA ILE B 111 -20.85 -11.35 -20.75
C ILE B 111 -21.43 -12.35 -21.76
N THR B 112 -20.65 -12.66 -22.79
CA THR B 112 -21.14 -13.51 -23.87
C THR B 112 -20.35 -14.80 -23.88
N GLU B 113 -21.05 -15.88 -23.52
CA GLU B 113 -20.42 -17.08 -23.01
C GLU B 113 -19.76 -17.96 -24.07
N GLU B 114 -20.01 -17.69 -25.35
CA GLU B 114 -19.47 -18.53 -26.45
C GLU B 114 -18.82 -17.72 -27.61
N GLU B 115 -17.86 -18.29 -28.35
CA GLU B 115 -17.44 -19.72 -28.34
C GLU B 115 -17.51 -20.44 -27.00
N ARG B 117 -14.09 -18.99 -26.15
CA ARG B 117 -14.08 -17.52 -26.07
C ARG B 117 -15.12 -17.01 -25.06
N LEU B 118 -14.66 -16.23 -24.06
CA LEU B 118 -15.54 -15.55 -23.09
C LEU B 118 -15.44 -14.07 -23.31
N LYS B 119 -16.51 -13.49 -23.83
CA LYS B 119 -16.52 -12.08 -24.18
C LYS B 119 -17.10 -11.29 -23.02
N VAL B 120 -16.33 -10.32 -22.53
CA VAL B 120 -16.71 -9.60 -21.34
C VAL B 120 -16.68 -8.10 -21.57
N TYR B 121 -17.81 -7.44 -21.31
CA TYR B 121 -17.97 -6.00 -21.50
C TYR B 121 -18.08 -5.34 -20.14
N ILE B 122 -17.12 -4.51 -19.81
CA ILE B 122 -17.05 -3.89 -18.48
C ILE B 122 -17.31 -2.38 -18.59
N LYS B 123 -18.30 -1.89 -17.84
CA LYS B 123 -18.59 -0.46 -17.78
C LYS B 123 -17.73 0.24 -16.71
N ILE B 124 -16.93 1.18 -17.18
CA ILE B 124 -15.96 1.87 -16.36
C ILE B 124 -16.70 3.10 -15.80
N PRO B 125 -16.71 3.27 -14.46
CA PRO B 125 -17.39 4.45 -13.96
C PRO B 125 -16.50 5.71 -14.12
N LYS B 126 -17.13 6.89 -14.20
CA LYS B 126 -16.36 8.14 -14.30
C LYS B 126 -15.89 8.41 -12.89
N ASP B 127 -14.58 8.50 -12.71
CA ASP B 127 -13.93 8.18 -11.43
C ASP B 127 -12.65 7.44 -11.81
N LEU B 128 -12.80 6.33 -12.52
CA LEU B 128 -11.68 5.59 -13.07
C LEU B 128 -11.13 6.22 -14.36
N GLU B 135 -5.22 2.74 -22.28
CA GLU B 135 -5.74 1.49 -22.84
C GLU B 135 -4.60 0.49 -23.11
N ASP B 136 -4.96 -0.54 -23.87
CA ASP B 136 -4.09 -1.57 -24.41
C ASP B 136 -4.24 -2.84 -23.57
N HIS B 137 -3.62 -2.86 -22.41
CA HIS B 137 -3.73 -3.97 -21.45
C HIS B 137 -4.40 -3.52 -20.15
N ILE B 138 -5.06 -4.45 -19.47
CA ILE B 138 -5.77 -4.08 -18.21
C ILE B 138 -5.89 -5.31 -17.33
N GLY B 139 -5.85 -5.12 -16.00
CA GLY B 139 -6.08 -6.20 -15.04
C GLY B 139 -7.53 -6.21 -14.59
N ILE B 140 -8.17 -7.38 -14.70
CA ILE B 140 -9.54 -7.57 -14.16
C ILE B 140 -9.43 -8.71 -13.18
N ASN B 141 -9.65 -8.42 -11.88
CA ASN B 141 -9.47 -9.42 -10.81
C ASN B 141 -8.16 -10.17 -10.92
N GLY B 142 -7.13 -9.49 -11.38
CA GLY B 142 -5.76 -10.07 -11.39
C GLY B 142 -5.46 -10.85 -12.67
N VAL B 143 -6.43 -10.86 -13.60
CA VAL B 143 -6.19 -11.39 -14.95
C VAL B 143 -5.81 -10.26 -15.90
N SER B 144 -4.57 -10.29 -16.37
CA SER B 144 -4.07 -9.30 -17.32
C SER B 144 -4.26 -9.80 -18.74
N HIS B 145 -4.97 -9.00 -19.54
CA HIS B 145 -5.18 -9.28 -20.95
C HIS B 145 -5.26 -7.95 -21.67
N SER B 146 -5.25 -7.99 -22.99
CA SER B 146 -5.38 -6.78 -23.78
C SER B 146 -6.85 -6.42 -23.94
N ILE B 147 -7.10 -5.12 -24.05
CA ILE B 147 -8.42 -4.62 -24.38
C ILE B 147 -8.59 -4.76 -25.89
N GLU B 148 -9.76 -5.23 -26.27
CA GLU B 148 -10.09 -5.45 -27.66
C GLU B 148 -10.59 -4.12 -28.26
N GLU B 149 -11.45 -3.46 -27.53
CA GLU B 149 -12.16 -2.34 -28.07
C GLU B 149 -12.66 -1.54 -26.89
N ILE B 150 -12.81 -0.23 -27.09
CA ILE B 150 -13.47 0.64 -26.14
C ILE B 150 -14.57 1.42 -26.87
N SER B 151 -15.79 1.36 -26.36
CA SER B 151 -16.89 2.19 -26.85
C SER B 151 -17.60 2.90 -25.72
N ASP B 152 -17.44 4.23 -25.69
CA ASP B 152 -18.04 5.11 -24.69
C ASP B 152 -17.35 4.78 -23.36
N ASP B 153 -18.08 4.14 -22.47
CA ASP B 153 -17.59 3.82 -21.14
C ASP B 153 -17.39 2.30 -20.97
N ILE B 154 -17.46 1.56 -22.08
CA ILE B 154 -17.38 0.10 -22.05
C ILE B 154 -16.11 -0.40 -22.70
N ILE B 155 -15.32 -1.16 -21.94
CA ILE B 155 -14.19 -1.88 -22.47
C ILE B 155 -14.59 -3.31 -22.80
N PHE B 156 -14.21 -3.80 -23.97
CA PHE B 156 -14.50 -5.17 -24.42
C PHE B 156 -13.23 -5.98 -24.31
N ILE B 157 -13.28 -7.09 -23.55
CA ILE B 157 -12.14 -7.99 -23.40
C ILE B 157 -12.53 -9.38 -23.91
N ASN B 158 -11.69 -9.97 -24.74
CA ASN B 158 -12.00 -11.28 -25.30
C ASN B 158 -11.07 -12.36 -24.75
N TYR B 159 -11.59 -13.18 -23.83
CA TYR B 159 -10.77 -14.13 -23.08
C TYR B 159 -10.90 -15.50 -23.72
N PRO B 160 -9.82 -16.30 -23.76
CA PRO B 160 -10.04 -17.71 -24.12
C PRO B 160 -10.91 -18.41 -23.07
N LYS B 161 -11.84 -19.25 -23.51
CA LYS B 161 -12.80 -19.92 -22.61
C LYS B 161 -12.14 -20.70 -21.47
N ASN B 162 -10.89 -21.12 -21.67
CA ASN B 162 -10.15 -21.86 -20.64
C ASN B 162 -9.90 -21.07 -19.37
N LEU B 163 -10.02 -19.74 -19.45
CA LEU B 163 -9.79 -18.89 -18.27
C LEU B 163 -10.97 -18.90 -17.31
N SER B 164 -11.93 -19.78 -17.50
CA SER B 164 -13.13 -19.60 -16.72
C SER B 164 -13.83 -20.77 -16.06
N ILE B 165 -13.46 -22.03 -16.20
CA ILE B 165 -12.20 -22.73 -15.85
C ILE B 165 -11.28 -22.28 -14.76
N THR B 166 -10.05 -21.87 -15.09
CA THR B 166 -8.97 -21.70 -14.09
C THR B 166 -9.05 -20.44 -13.17
N THR B 167 -9.89 -19.47 -13.53
CA THR B 167 -10.01 -18.24 -12.71
C THR B 167 -11.46 -18.11 -12.29
N ASN B 168 -11.84 -17.00 -11.65
CA ASN B 168 -13.28 -16.76 -11.40
C ASN B 168 -14.02 -16.00 -12.54
N LEU B 169 -13.34 -15.80 -13.68
CA LEU B 169 -13.96 -15.13 -14.85
C LEU B 169 -15.28 -15.75 -15.23
N GLY B 170 -15.37 -17.07 -15.02
CA GLY B 170 -16.54 -17.86 -15.36
C GLY B 170 -17.63 -17.80 -14.32
N THR B 171 -17.39 -17.11 -13.20
CA THR B 171 -18.44 -16.84 -12.21
C THR B 171 -19.12 -15.49 -12.45
N LEU B 172 -18.60 -14.68 -13.37
CA LEU B 172 -19.09 -13.33 -13.60
C LEU B 172 -20.44 -13.35 -14.31
N GLU B 173 -21.30 -12.42 -13.90
CA GLU B 173 -22.59 -12.16 -14.53
C GLU B 173 -22.73 -10.68 -14.85
N LYS B 174 -23.59 -10.32 -15.80
CA LYS B 174 -24.10 -8.93 -15.81
C LYS B 174 -24.36 -8.42 -14.37
N GLY B 175 -23.73 -7.32 -14.03
CA GLY B 175 -23.98 -6.75 -12.70
C GLY B 175 -22.89 -7.07 -11.68
N SER B 176 -21.94 -7.94 -12.06
CA SER B 176 -20.85 -8.35 -11.14
C SER B 176 -19.85 -7.22 -11.05
N ASP B 177 -19.41 -6.91 -9.83
CA ASP B 177 -18.34 -5.91 -9.64
C ASP B 177 -17.03 -6.65 -9.77
N VAL B 178 -16.02 -5.96 -10.32
CA VAL B 178 -14.65 -6.50 -10.51
C VAL B 178 -13.62 -5.43 -10.09
N ASN B 179 -12.43 -5.89 -9.73
CA ASN B 179 -11.32 -5.03 -9.34
C ASN B 179 -10.58 -4.67 -10.60
N VAL B 180 -10.40 -3.38 -10.86
CA VAL B 180 -9.60 -3.07 -12.08
C VAL B 180 -8.23 -2.43 -11.81
N GLU B 181 -7.18 -2.98 -12.44
CA GLU B 181 -5.88 -2.32 -12.46
C GLU B 181 -5.62 -1.83 -13.88
N THR B 182 -5.52 -0.52 -14.05
CA THR B 182 -5.18 0.06 -15.35
C THR B 182 -3.67 0.17 -15.38
N LEU B 183 -3.11 0.04 -16.56
CA LEU B 183 -1.65 -0.14 -16.74
C LEU B 183 -0.96 1.01 -17.49
N1 FMN C . 0.70 18.95 15.74
C2 FMN C . 0.57 19.87 14.77
O2 FMN C . 1.45 20.68 14.59
N3 FMN C . -0.58 19.88 14.00
C4 FMN C . -1.55 18.94 14.18
O4 FMN C . -2.41 18.84 13.30
C4A FMN C . -1.41 18.00 15.19
N5 FMN C . -2.37 17.06 15.47
C5A FMN C . -2.15 16.14 16.49
C6 FMN C . -3.12 15.20 16.78
C7 FMN C . -2.99 14.26 17.78
C7M FMN C . -4.22 13.51 18.25
C8 FMN C . -1.83 14.27 18.56
C8M FMN C . -1.72 13.33 19.72
C9 FMN C . -0.83 15.23 18.30
C9A FMN C . -0.98 16.17 17.25
N10 FMN C . -0.04 17.13 16.99
C10 FMN C . -0.26 18.03 15.98
C1' FMN C . 1.25 17.24 17.77
C2' FMN C . 2.43 16.54 17.06
O2' FMN C . 2.17 15.17 16.88
C3' FMN C . 3.64 16.70 17.99
O3' FMN C . 3.83 18.08 18.15
C4' FMN C . 4.96 16.05 17.49
O4' FMN C . 4.80 14.71 17.16
C5' FMN C . 5.78 15.68 18.71
O5' FMN C . 6.58 16.73 19.02
P FMN C . 6.42 17.53 20.44
O1P FMN C . 7.75 18.25 20.39
O2P FMN C . 6.24 16.65 21.68
O3P FMN C . 5.24 18.46 20.32
N1 RBF D . -4.24 -3.55 1.68
C2 RBF D . -5.01 -4.20 2.56
O2 RBF D . -6.18 -3.79 2.75
N3 RBF D . -4.54 -5.25 3.24
C4 RBF D . -3.30 -5.70 3.07
O4 RBF D . -2.88 -6.70 3.69
C4A RBF D . -2.38 -5.00 2.13
N5 RBF D . -1.09 -5.39 1.93
C5A RBF D . -0.28 -4.72 1.02
C6 RBF D . 1.04 -5.10 0.83
C7 RBF D . 1.84 -4.41 -0.08
C7M RBF D . 3.30 -4.81 -0.25
C8 RBF D . 1.29 -3.26 -0.83
C8M RBF D . 2.17 -2.46 -1.79
C9 RBF D . -0.02 -2.87 -0.63
C9A RBF D . -0.84 -3.56 0.29
N10 RBF D . -2.19 -3.16 0.52
C10 RBF D . -2.97 -3.90 1.42
C1' RBF D . -2.84 -2.02 -0.17
C2' RBF D . -3.79 -2.47 -1.30
O2' RBF D . -3.08 -3.29 -2.26
C3' RBF D . -4.31 -1.23 -1.98
O3' RBF D . -4.96 -0.49 -0.99
C4' RBF D . -5.35 -1.49 -3.05
O4' RBF D . -4.74 -2.15 -4.12
C5' RBF D . -5.82 -0.18 -3.62
O5' RBF D . -7.01 -0.43 -4.31
#